data_1KPM
#
_entry.id   1KPM
#
_cell.length_a   75.790
_cell.length_b   88.510
_cell.length_c   78.040
_cell.angle_alpha   90.00
_cell.angle_beta   90.00
_cell.angle_gamma   90.00
#
_symmetry.space_group_name_H-M   'C 2 2 21'
#
loop_
_entity.id
_entity.type
_entity.pdbx_description
1 polymer 'Phospholipase A2'
2 non-polymer 'VITAMIN E'
3 non-polymer 'ACETIC ACID'
4 water water
#
_entity_poly.entity_id   1
_entity_poly.type   'polypeptide(L)'
_entity_poly.pdbx_seq_one_letter_code
;SLLEFGKMILEETGKLAIPSYSSYGCYCGWGGKGTPKDATDRCCFVHDCCYGNLPDCNPKSDRYKYKRVNGAIVCEKGTS
CENRICECDKAAAICFRQNLNTYSKKYMLYPDFLCKGELKC
;
_entity_poly.pdbx_strand_id   A,B
#
# COMPACT_ATOMS: atom_id res chain seq x y z
N SER A 1 2.11 -13.69 0.69
CA SER A 1 2.60 -12.33 1.00
C SER A 1 1.89 -11.29 0.15
N LEU A 2 2.22 -10.03 0.38
CA LEU A 2 1.63 -8.91 -0.36
C LEU A 2 1.77 -9.15 -1.86
N LEU A 3 2.83 -9.85 -2.24
CA LEU A 3 3.10 -10.16 -3.64
C LEU A 3 1.99 -11.01 -4.26
N GLU A 4 1.69 -12.14 -3.63
CA GLU A 4 0.64 -13.02 -4.13
C GLU A 4 -0.73 -12.39 -4.04
N PHE A 5 -1.00 -11.73 -2.92
CA PHE A 5 -2.29 -11.08 -2.72
C PHE A 5 -2.50 -10.00 -3.77
N GLY A 6 -1.46 -9.21 -4.02
CA GLY A 6 -1.56 -8.15 -5.01
C GLY A 6 -1.85 -8.70 -6.38
N LYS A 7 -1.26 -9.86 -6.70
CA LYS A 7 -1.46 -10.48 -8.01
C LYS A 7 -2.93 -10.90 -8.17
N MET A 8 -3.49 -11.50 -7.13
CA MET A 8 -4.90 -11.93 -7.16
C MET A 8 -5.82 -10.74 -7.37
N ILE A 9 -5.52 -9.66 -6.66
CA ILE A 9 -6.32 -8.45 -6.74
C ILE A 9 -6.31 -7.88 -8.15
N LEU A 10 -5.15 -7.86 -8.79
CA LEU A 10 -5.06 -7.33 -10.15
C LEU A 10 -5.84 -8.24 -11.10
N GLU A 11 -5.67 -9.55 -10.94
CA GLU A 11 -6.35 -10.53 -11.78
C GLU A 11 -7.87 -10.48 -11.64
N GLU A 12 -8.34 -10.27 -10.41
CA GLU A 12 -9.79 -10.24 -10.17
C GLU A 12 -10.46 -8.89 -10.40
N THR A 13 -9.77 -7.80 -10.06
CA THR A 13 -10.36 -6.48 -10.20
C THR A 13 -9.88 -5.67 -11.40
N GLY A 14 -8.72 -6.02 -11.92
CA GLY A 14 -8.17 -5.27 -13.04
C GLY A 14 -7.45 -4.04 -12.53
N LYS A 15 -7.44 -3.89 -11.21
CA LYS A 15 -6.79 -2.76 -10.56
C LYS A 15 -5.50 -3.18 -9.87
N LEU A 16 -4.52 -2.29 -9.83
CA LEU A 16 -3.26 -2.58 -9.15
C LEU A 16 -3.57 -2.42 -7.66
N ALA A 17 -3.32 -3.48 -6.89
CA ALA A 17 -3.59 -3.46 -5.45
C ALA A 17 -3.05 -2.19 -4.81
N ILE A 18 -1.82 -1.85 -5.14
CA ILE A 18 -1.20 -0.63 -4.65
C ILE A 18 -1.11 0.19 -5.93
N PRO A 19 -1.67 1.40 -5.94
CA PRO A 19 -2.39 2.11 -4.88
C PRO A 19 -3.92 2.02 -4.76
N SER A 20 -4.58 1.24 -5.61
CA SER A 20 -6.03 1.16 -5.57
C SER A 20 -6.67 0.68 -4.26
N TYR A 21 -6.04 -0.26 -3.58
CA TYR A 21 -6.59 -0.80 -2.33
C TYR A 21 -5.68 -0.70 -1.12
N SER A 22 -4.59 0.05 -1.22
CA SER A 22 -3.66 0.16 -0.11
C SER A 22 -3.88 1.34 0.83
N SER A 23 -4.92 2.13 0.57
CA SER A 23 -5.22 3.28 1.42
C SER A 23 -6.73 3.51 1.44
N TYR A 24 -7.46 2.47 1.09
CA TYR A 24 -8.92 2.53 1.02
C TYR A 24 -9.64 2.35 2.34
N GLY A 25 -10.47 3.33 2.68
CA GLY A 25 -11.24 3.27 3.91
C GLY A 25 -10.42 3.07 5.18
N CYS A 26 -11.05 2.42 6.14
CA CYS A 26 -10.46 2.16 7.44
C CYS A 26 -9.63 0.89 7.55
N TYR A 27 -9.95 -0.10 6.73
CA TYR A 27 -9.24 -1.38 6.82
C TYR A 27 -8.35 -1.79 5.66
N CYS A 28 -8.47 -1.15 4.51
CA CYS A 28 -7.62 -1.51 3.39
C CYS A 28 -6.33 -0.70 3.46
N GLY A 29 -5.46 -1.14 4.36
CA GLY A 29 -4.19 -0.48 4.56
C GLY A 29 -3.54 -1.18 5.74
N TRP A 30 -2.87 -0.62 6.50
CA TRP A 30 -2.23 -1.22 7.65
C TRP A 30 -3.10 -1.06 8.89
N GLY A 31 -3.92 0.12 8.93
CA GLY A 31 -4.79 0.38 10.06
C GLY A 31 -5.80 -0.74 10.31
N GLY A 32 -6.62 -0.56 11.35
CA GLY A 32 -7.62 -1.55 11.68
C GLY A 32 -8.49 -1.08 12.83
N LYS A 33 -9.27 -0.02 12.58
CA LYS A 33 -10.15 0.54 13.61
C LYS A 33 -11.37 1.18 12.98
N GLY A 34 -12.44 1.29 13.77
CA GLY A 34 -13.66 1.91 13.30
C GLY A 34 -14.59 1.06 12.45
N THR A 35 -15.67 1.69 12.00
CA THR A 35 -16.67 1.02 11.17
C THR A 35 -16.26 1.08 9.71
N PRO A 36 -16.24 -0.08 9.03
CA PRO A 36 -15.88 -0.11 7.61
C PRO A 36 -16.76 0.87 6.84
N LYS A 37 -16.16 1.65 5.95
CA LYS A 37 -16.89 2.65 5.16
C LYS A 37 -17.92 2.09 4.19
N ASP A 38 -17.62 0.94 3.59
CA ASP A 38 -18.54 0.32 2.64
C ASP A 38 -18.20 -1.16 2.40
N ALA A 39 -18.81 -1.75 1.39
CA ALA A 39 -18.59 -3.17 1.06
C ALA A 39 -17.13 -3.50 0.82
N THR A 40 -16.45 -2.68 0.03
CA THR A 40 -15.04 -2.91 -0.25
C THR A 40 -14.24 -2.87 1.06
N ASP A 41 -14.51 -1.86 1.89
CA ASP A 41 -13.81 -1.72 3.15
C ASP A 41 -14.09 -2.95 4.04
N ARG A 42 -15.32 -3.44 4.01
CA ARG A 42 -15.66 -4.64 4.78
C ARG A 42 -14.87 -5.84 4.28
N CYS A 43 -14.56 -5.87 2.99
CA CYS A 43 -13.77 -6.98 2.45
C CYS A 43 -12.44 -6.99 3.19
N CYS A 44 -11.88 -5.80 3.41
CA CYS A 44 -10.60 -5.67 4.09
C CYS A 44 -10.74 -6.01 5.56
N PHE A 45 -11.86 -5.62 6.17
CA PHE A 45 -12.10 -5.93 7.57
C PHE A 45 -12.07 -7.45 7.74
N VAL A 46 -12.85 -8.13 6.91
CA VAL A 46 -12.91 -9.59 6.94
C VAL A 46 -11.53 -10.20 6.68
N HIS A 47 -10.81 -9.62 5.73
CA HIS A 47 -9.48 -10.11 5.40
C HIS A 47 -8.58 -10.04 6.64
N ASP A 48 -8.70 -8.95 7.40
CA ASP A 48 -7.90 -8.79 8.61
C ASP A 48 -8.29 -9.84 9.63
N CYS A 49 -9.59 -10.08 9.77
CA CYS A 49 -10.08 -11.08 10.72
C CYS A 49 -9.55 -12.46 10.36
N CYS A 50 -9.51 -12.74 9.06
CA CYS A 50 -9.03 -14.02 8.57
C CYS A 50 -7.56 -14.14 8.97
N TYR A 51 -6.77 -13.12 8.65
CA TYR A 51 -5.35 -13.10 9.01
C TYR A 51 -5.19 -13.22 10.52
N GLY A 52 -6.06 -12.52 11.25
CA GLY A 52 -6.02 -12.53 12.71
C GLY A 52 -6.26 -13.89 13.31
N ASN A 53 -6.80 -14.80 12.50
CA ASN A 53 -7.07 -16.15 12.95
C ASN A 53 -6.02 -17.15 12.46
N LEU A 54 -4.88 -16.59 12.06
CA LEU A 54 -3.75 -17.39 11.61
C LEU A 54 -2.58 -16.98 12.50
N PRO A 55 -2.75 -17.06 13.83
CA PRO A 55 -1.68 -16.68 14.75
C PRO A 55 -0.40 -17.49 14.59
N ASP A 56 -0.55 -18.74 14.15
CA ASP A 56 0.59 -19.62 13.95
C ASP A 56 1.32 -19.36 12.64
N CYS A 57 0.91 -18.31 11.93
CA CYS A 57 1.53 -17.98 10.65
C CYS A 57 1.97 -16.52 10.56
N ASN A 58 2.55 -16.17 9.41
CA ASN A 58 3.00 -14.81 9.12
C ASN A 58 2.34 -14.44 7.79
N PRO A 59 1.02 -14.18 7.81
CA PRO A 59 0.19 -13.83 6.65
C PRO A 59 0.75 -12.80 5.66
N LYS A 60 1.14 -11.65 6.17
CA LYS A 60 1.65 -10.57 5.34
C LYS A 60 3.06 -10.81 4.80
N SER A 61 3.76 -11.81 5.33
CA SER A 61 5.12 -12.10 4.89
C SER A 61 5.31 -13.45 4.21
N ASP A 62 4.68 -14.49 4.72
CA ASP A 62 4.81 -15.83 4.16
C ASP A 62 4.47 -15.93 2.68
N ARG A 63 5.37 -16.55 1.91
CA ARG A 63 5.17 -16.73 0.48
C ARG A 63 4.39 -18.01 0.22
N TYR A 64 3.62 -18.04 -0.86
CA TYR A 64 2.83 -19.22 -1.21
C TYR A 64 2.55 -19.23 -2.71
N LYS A 65 2.09 -20.37 -3.20
CA LYS A 65 1.78 -20.50 -4.63
C LYS A 65 0.33 -20.85 -4.85
N TYR A 66 -0.20 -20.41 -5.99
CA TYR A 66 -1.58 -20.69 -6.35
C TYR A 66 -1.69 -20.71 -7.87
N LYS A 67 -2.81 -21.22 -8.37
CA LYS A 67 -3.01 -21.29 -9.80
C LYS A 67 -4.45 -20.97 -10.14
N ARG A 68 -4.75 -20.86 -11.43
CA ARG A 68 -6.09 -20.57 -11.88
C ARG A 68 -6.60 -21.71 -12.76
N VAL A 69 -7.76 -22.24 -12.41
CA VAL A 69 -8.37 -23.33 -13.16
C VAL A 69 -9.81 -22.96 -13.51
N ASN A 70 -10.19 -23.16 -14.76
CA ASN A 70 -11.54 -22.83 -15.20
C ASN A 70 -11.87 -21.37 -14.91
N GLY A 71 -10.86 -20.51 -14.96
CA GLY A 71 -11.04 -19.10 -14.71
C GLY A 71 -11.14 -18.66 -13.26
N ALA A 72 -10.90 -19.58 -12.32
CA ALA A 72 -10.98 -19.24 -10.91
C ALA A 72 -9.71 -19.59 -10.14
N ILE A 73 -9.48 -18.85 -9.05
CA ILE A 73 -8.31 -19.06 -8.21
C ILE A 73 -8.36 -20.41 -7.50
N VAL A 74 -7.24 -21.10 -7.49
CA VAL A 74 -7.15 -22.40 -6.83
C VAL A 74 -5.90 -22.44 -5.98
N CYS A 75 -6.10 -22.46 -4.66
CA CYS A 75 -4.97 -22.51 -3.76
C CYS A 75 -4.39 -23.92 -3.80
N GLU A 76 -3.15 -24.01 -4.30
CA GLU A 76 -2.48 -25.30 -4.44
C GLU A 76 -2.05 -25.88 -3.10
N LYS A 77 -1.80 -27.19 -3.11
CA LYS A 77 -1.38 -27.90 -1.91
C LYS A 77 0.01 -27.46 -1.46
N GLY A 78 0.08 -26.97 -0.22
CA GLY A 78 1.34 -26.51 0.34
C GLY A 78 1.29 -26.72 1.83
N THR A 79 1.97 -25.86 2.59
CA THR A 79 1.94 -26.01 4.04
C THR A 79 0.58 -25.52 4.53
N SER A 80 0.22 -25.89 5.74
CA SER A 80 -1.06 -25.47 6.30
C SER A 80 -1.18 -23.96 6.25
N CYS A 81 -0.13 -23.27 6.70
CA CYS A 81 -0.14 -21.80 6.70
C CYS A 81 -0.31 -21.25 5.29
N GLU A 82 0.50 -21.75 4.36
CA GLU A 82 0.44 -21.28 2.98
C GLU A 82 -0.97 -21.42 2.42
N ASN A 83 -1.59 -22.57 2.63
CA ASN A 83 -2.94 -22.81 2.14
C ASN A 83 -3.96 -21.87 2.77
N ARG A 84 -3.86 -21.66 4.07
CA ARG A 84 -4.82 -20.79 4.75
C ARG A 84 -4.66 -19.32 4.35
N ILE A 85 -3.42 -18.87 4.25
CA ILE A 85 -3.16 -17.47 3.87
C ILE A 85 -3.72 -17.25 2.48
N CYS A 86 -3.48 -18.20 1.60
CA CYS A 86 -3.96 -18.13 0.23
C CYS A 86 -5.48 -18.01 0.20
N GLU A 87 -6.18 -18.82 0.99
CA GLU A 87 -7.64 -18.77 1.02
C GLU A 87 -8.14 -17.42 1.54
N CYS A 88 -7.46 -16.86 2.55
CA CYS A 88 -7.87 -15.57 3.08
C CYS A 88 -7.74 -14.54 1.97
N ASP A 89 -6.63 -14.61 1.25
CA ASP A 89 -6.38 -13.67 0.16
C ASP A 89 -7.36 -13.85 -0.98
N LYS A 90 -7.64 -15.10 -1.34
CA LYS A 90 -8.58 -15.41 -2.41
C LYS A 90 -9.97 -14.83 -2.12
N ALA A 91 -10.46 -15.08 -0.91
CA ALA A 91 -11.77 -14.60 -0.52
C ALA A 91 -11.87 -13.07 -0.62
N ALA A 92 -10.79 -12.39 -0.23
CA ALA A 92 -10.76 -10.94 -0.28
C ALA A 92 -10.70 -10.39 -1.70
N ALA A 93 -9.87 -10.99 -2.54
CA ALA A 93 -9.73 -10.55 -3.92
C ALA A 93 -11.07 -10.69 -4.62
N ILE A 94 -11.74 -11.82 -4.39
CA ILE A 94 -13.03 -12.06 -4.99
C ILE A 94 -14.06 -11.09 -4.43
N CYS A 95 -13.96 -10.82 -3.13
CA CYS A 95 -14.87 -9.87 -2.48
C CYS A 95 -14.72 -8.50 -3.13
N PHE A 96 -13.49 -8.07 -3.37
CA PHE A 96 -13.27 -6.77 -4.03
C PHE A 96 -13.98 -6.74 -5.38
N ARG A 97 -13.76 -7.79 -6.17
CA ARG A 97 -14.34 -7.90 -7.49
C ARG A 97 -15.87 -7.85 -7.47
N GLN A 98 -16.47 -8.62 -6.57
CA GLN A 98 -17.93 -8.67 -6.46
C GLN A 98 -18.53 -7.32 -6.07
N ASN A 99 -17.72 -6.48 -5.43
CA ASN A 99 -18.18 -5.17 -4.99
C ASN A 99 -17.63 -3.95 -5.75
N LEU A 100 -17.02 -4.17 -6.90
CA LEU A 100 -16.48 -3.06 -7.68
C LEU A 100 -17.55 -2.03 -8.03
N ASN A 101 -18.78 -2.50 -8.08
CA ASN A 101 -19.94 -1.67 -8.39
C ASN A 101 -20.15 -0.54 -7.40
N THR A 102 -19.59 -0.67 -6.20
CA THR A 102 -19.72 0.37 -5.20
C THR A 102 -18.37 0.92 -4.74
N TYR A 103 -17.30 0.53 -5.43
CA TYR A 103 -15.96 1.04 -5.08
C TYR A 103 -16.04 2.55 -5.32
N SER A 104 -15.69 3.32 -4.29
CA SER A 104 -15.75 4.76 -4.37
C SER A 104 -14.39 5.44 -4.22
N LYS A 105 -14.06 6.26 -5.19
CA LYS A 105 -12.79 6.98 -5.21
C LYS A 105 -12.60 7.84 -3.96
N LYS A 106 -13.69 8.34 -3.40
CA LYS A 106 -13.60 9.21 -2.22
C LYS A 106 -13.04 8.52 -0.97
N TYR A 107 -12.97 7.20 -0.98
CA TYR A 107 -12.45 6.48 0.16
C TYR A 107 -10.96 6.16 0.01
N MET A 108 -10.38 6.58 -1.10
CA MET A 108 -8.95 6.37 -1.31
C MET A 108 -8.20 7.41 -0.47
N LEU A 109 -6.97 7.09 -0.09
CA LEU A 109 -6.16 8.00 0.71
C LEU A 109 -6.93 8.42 1.96
N TYR A 110 -7.65 7.46 2.54
CA TYR A 110 -8.46 7.74 3.72
C TYR A 110 -7.60 7.87 4.98
N PRO A 111 -7.69 9.02 5.67
CA PRO A 111 -6.91 9.24 6.89
C PRO A 111 -7.39 8.39 8.07
N ASP A 112 -6.44 7.70 8.70
CA ASP A 112 -6.74 6.82 9.81
C ASP A 112 -7.42 7.51 10.99
N PHE A 113 -7.17 8.79 11.19
CA PHE A 113 -7.78 9.48 12.32
C PHE A 113 -9.30 9.47 12.24
N LEU A 114 -9.83 9.27 11.04
CA LEU A 114 -11.28 9.24 10.86
C LEU A 114 -11.84 7.87 11.24
N CYS A 115 -10.95 6.97 11.63
CA CYS A 115 -11.35 5.63 12.03
C CYS A 115 -10.99 5.32 13.47
N LYS A 116 -11.99 5.28 14.34
CA LYS A 116 -11.75 4.98 15.74
C LYS A 116 -12.84 4.02 16.22
N GLY A 117 -12.54 3.28 17.28
CA GLY A 117 -13.52 2.35 17.80
C GLY A 117 -13.17 0.92 17.49
N GLU A 118 -13.34 0.06 18.48
CA GLU A 118 -13.05 -1.35 18.36
C GLU A 118 -14.22 -2.09 17.72
N LEU A 119 -13.95 -2.78 16.62
CA LEU A 119 -14.99 -3.55 15.94
C LEU A 119 -14.60 -5.02 15.97
N LYS A 120 -15.37 -5.81 16.72
CA LYS A 120 -15.10 -7.23 16.86
C LYS A 120 -15.34 -8.03 15.59
N CYS A 121 -14.51 -9.05 15.38
CA CYS A 121 -14.62 -9.93 14.23
C CYS A 121 -15.74 -10.95 14.41
N SER B 1 9.83 11.65 -11.39
CA SER B 1 11.20 11.70 -10.80
C SER B 1 11.15 12.43 -9.46
N LEU B 2 12.29 12.52 -8.77
CA LEU B 2 12.30 13.18 -7.47
C LEU B 2 11.96 14.67 -7.58
N LEU B 3 12.13 15.24 -8.77
CA LEU B 3 11.79 16.64 -8.98
C LEU B 3 10.31 16.84 -8.65
N GLU B 4 9.46 16.02 -9.26
CA GLU B 4 8.02 16.10 -9.03
C GLU B 4 7.63 15.57 -7.65
N PHE B 5 8.17 14.43 -7.28
CA PHE B 5 7.85 13.84 -5.98
C PHE B 5 8.28 14.80 -4.87
N GLY B 6 9.49 15.33 -4.98
CA GLY B 6 10.00 16.25 -3.97
C GLY B 6 9.14 17.50 -3.83
N LYS B 7 8.62 17.98 -4.96
CA LYS B 7 7.76 19.16 -4.95
C LYS B 7 6.48 18.83 -4.20
N MET B 8 5.92 17.65 -4.47
CA MET B 8 4.70 17.22 -3.79
C MET B 8 4.97 17.14 -2.30
N ILE B 9 6.11 16.56 -1.95
CA ILE B 9 6.48 16.40 -0.55
C ILE B 9 6.55 17.73 0.18
N LEU B 10 7.20 18.71 -0.44
CA LEU B 10 7.32 20.02 0.17
C LEU B 10 5.95 20.69 0.32
N GLU B 11 5.13 20.59 -0.72
CA GLU B 11 3.82 21.21 -0.70
C GLU B 11 2.89 20.59 0.35
N GLU B 12 3.01 19.28 0.55
CA GLU B 12 2.16 18.59 1.51
C GLU B 12 2.68 18.50 2.94
N THR B 13 4.00 18.51 3.13
CA THR B 13 4.58 18.37 4.47
C THR B 13 5.38 19.55 5.00
N GLY B 14 5.82 20.43 4.12
CA GLY B 14 6.63 21.57 4.55
C GLY B 14 8.09 21.16 4.71
N LYS B 15 8.37 19.88 4.47
CA LYS B 15 9.73 19.34 4.58
C LYS B 15 10.36 19.10 3.21
N LEU B 16 11.69 19.12 3.16
CA LEU B 16 12.40 18.87 1.92
C LEU B 16 12.63 17.35 1.81
N ALA B 17 12.32 16.77 0.66
CA ALA B 17 12.48 15.33 0.45
C ALA B 17 13.84 14.88 0.96
N ILE B 18 14.88 15.62 0.57
CA ILE B 18 16.23 15.36 1.03
C ILE B 18 16.49 16.51 1.99
N PRO B 19 16.81 16.22 3.26
CA PRO B 19 16.97 14.91 3.89
C PRO B 19 15.79 14.34 4.70
N SER B 20 14.68 15.06 4.79
CA SER B 20 13.56 14.58 5.61
C SER B 20 12.99 13.20 5.30
N TYR B 21 12.97 12.82 4.03
CA TYR B 21 12.41 11.52 3.67
C TYR B 21 13.39 10.69 2.84
N SER B 22 14.66 11.04 2.90
CA SER B 22 15.69 10.33 2.14
C SER B 22 16.61 9.59 3.10
N SER B 23 16.41 9.84 4.39
CA SER B 23 17.19 9.22 5.43
C SER B 23 16.28 9.01 6.63
N TYR B 24 15.24 8.20 6.45
CA TYR B 24 14.30 7.98 7.54
C TYR B 24 13.83 6.53 7.60
N GLY B 25 13.98 5.92 8.77
CA GLY B 25 13.55 4.54 8.93
C GLY B 25 14.25 3.60 7.98
N CYS B 26 13.58 2.50 7.66
CA CYS B 26 14.14 1.49 6.76
C CYS B 26 13.86 1.72 5.30
N TYR B 27 12.75 2.38 5.00
CA TYR B 27 12.36 2.57 3.61
C TYR B 27 12.36 3.97 3.01
N CYS B 28 12.42 5.01 3.83
CA CYS B 28 12.44 6.36 3.28
C CYS B 28 13.85 6.69 2.88
N GLY B 29 14.16 6.40 1.64
CA GLY B 29 15.48 6.62 1.09
C GLY B 29 15.68 5.59 0.02
N TRP B 30 16.81 4.91 0.04
CA TRP B 30 17.10 3.90 -0.96
C TRP B 30 17.50 2.58 -0.34
N GLY B 31 17.59 1.54 -1.16
CA GLY B 31 17.97 0.23 -0.67
C GLY B 31 17.15 -0.24 0.53
N GLY B 32 15.86 0.10 0.53
CA GLY B 32 15.01 -0.30 1.64
C GLY B 32 14.89 -1.80 1.86
N LYS B 33 14.89 -2.20 3.13
CA LYS B 33 14.76 -3.60 3.55
C LYS B 33 14.35 -3.61 5.01
N GLY B 34 13.82 -4.73 5.47
CA GLY B 34 13.40 -4.85 6.86
C GLY B 34 11.94 -4.54 7.14
N THR B 35 11.61 -4.32 8.40
CA THR B 35 10.24 -4.01 8.79
C THR B 35 10.09 -2.52 9.02
N PRO B 36 9.12 -1.87 8.33
CA PRO B 36 8.94 -0.43 8.52
C PRO B 36 8.86 -0.11 10.02
N LYS B 37 9.54 0.96 10.44
CA LYS B 37 9.59 1.35 11.84
C LYS B 37 8.38 2.10 12.39
N ASP B 38 7.67 2.84 11.53
CA ASP B 38 6.49 3.56 11.96
C ASP B 38 5.59 3.90 10.78
N ALA B 39 4.59 4.75 11.01
CA ALA B 39 3.64 5.11 9.95
C ALA B 39 4.33 5.75 8.76
N THR B 40 5.21 6.70 9.01
CA THR B 40 5.90 7.37 7.92
C THR B 40 6.75 6.37 7.14
N ASP B 41 7.45 5.50 7.85
CA ASP B 41 8.27 4.50 7.18
C ASP B 41 7.39 3.56 6.35
N ARG B 42 6.17 3.28 6.84
CA ARG B 42 5.26 2.43 6.09
C ARG B 42 4.82 3.13 4.81
N CYS B 43 4.68 4.45 4.86
CA CYS B 43 4.29 5.18 3.65
C CYS B 43 5.35 4.91 2.59
N CYS B 44 6.62 4.97 2.99
CA CYS B 44 7.71 4.76 2.05
C CYS B 44 7.74 3.33 1.54
N PHE B 45 7.47 2.38 2.43
CA PHE B 45 7.45 0.98 2.03
C PHE B 45 6.40 0.79 0.94
N VAL B 46 5.20 1.32 1.19
CA VAL B 46 4.12 1.22 0.23
C VAL B 46 4.50 1.90 -1.07
N HIS B 47 5.22 3.02 -0.98
CA HIS B 47 5.68 3.76 -2.16
C HIS B 47 6.60 2.88 -3.01
N ASP B 48 7.50 2.16 -2.36
CA ASP B 48 8.42 1.26 -3.08
C ASP B 48 7.63 0.14 -3.77
N CYS B 49 6.65 -0.42 -3.06
CA CYS B 49 5.83 -1.48 -3.63
C CYS B 49 5.04 -0.96 -4.82
N CYS B 50 4.63 0.30 -4.71
CA CYS B 50 3.86 0.94 -5.77
C CYS B 50 4.74 1.00 -7.02
N TYR B 51 5.99 1.44 -6.85
CA TYR B 51 6.92 1.50 -7.97
C TYR B 51 7.17 0.08 -8.48
N GLY B 52 7.17 -0.87 -7.54
CA GLY B 52 7.41 -2.27 -7.86
C GLY B 52 6.45 -2.86 -8.89
N ASN B 53 5.24 -2.32 -8.96
CA ASN B 53 4.26 -2.81 -9.92
C ASN B 53 4.49 -2.22 -11.31
N LEU B 54 5.52 -1.38 -11.42
CA LEU B 54 5.83 -0.73 -12.68
C LEU B 54 7.24 -1.06 -13.18
N PRO B 55 7.52 -2.35 -13.40
CA PRO B 55 8.84 -2.80 -13.87
C PRO B 55 9.31 -2.24 -15.21
N ASP B 56 8.36 -1.84 -16.05
CA ASP B 56 8.73 -1.28 -17.36
C ASP B 56 8.93 0.23 -17.32
N CYS B 57 8.82 0.81 -16.13
CA CYS B 57 9.01 2.25 -15.97
C CYS B 57 10.30 2.56 -15.23
N ASN B 58 10.61 3.85 -15.12
CA ASN B 58 11.81 4.28 -14.41
C ASN B 58 11.56 5.57 -13.64
N PRO B 59 10.98 5.43 -12.43
CA PRO B 59 10.65 6.56 -11.54
C PRO B 59 11.78 7.56 -11.28
N LYS B 60 13.01 7.08 -11.22
CA LYS B 60 14.14 7.98 -10.95
C LYS B 60 14.33 9.02 -12.05
N SER B 61 14.02 8.64 -13.29
CA SER B 61 14.20 9.56 -14.40
C SER B 61 12.93 9.91 -15.16
N ASP B 62 11.85 9.19 -14.88
CA ASP B 62 10.58 9.48 -15.57
C ASP B 62 9.92 10.73 -15.02
N ARG B 63 9.98 11.81 -15.79
CA ARG B 63 9.35 13.06 -15.39
C ARG B 63 7.89 12.97 -15.80
N TYR B 64 7.06 13.80 -15.18
CA TYR B 64 5.64 13.82 -15.52
C TYR B 64 5.13 15.15 -15.05
N LYS B 65 3.90 15.48 -15.40
CA LYS B 65 3.38 16.75 -14.95
C LYS B 65 2.14 16.53 -14.12
N TYR B 66 2.00 17.37 -13.10
CA TYR B 66 0.85 17.31 -12.23
C TYR B 66 0.56 18.77 -11.93
N LYS B 67 -0.69 19.05 -11.58
CA LYS B 67 -1.09 20.40 -11.27
C LYS B 67 -1.94 20.30 -10.02
N ARG B 68 -2.30 21.44 -9.44
CA ARG B 68 -3.14 21.41 -8.26
C ARG B 68 -4.48 22.02 -8.67
N VAL B 69 -5.54 21.25 -8.50
CA VAL B 69 -6.88 21.70 -8.85
C VAL B 69 -7.77 21.58 -7.62
N ASN B 70 -8.42 22.68 -7.27
CA ASN B 70 -9.29 22.70 -6.10
C ASN B 70 -8.46 22.24 -4.90
N GLY B 71 -7.21 22.70 -4.88
CA GLY B 71 -6.29 22.39 -3.80
C GLY B 71 -5.71 20.98 -3.76
N ALA B 72 -6.15 20.11 -4.65
CA ALA B 72 -5.67 18.73 -4.67
C ALA B 72 -4.73 18.43 -5.84
N ILE B 73 -3.86 17.45 -5.64
CA ILE B 73 -2.91 17.05 -6.66
C ILE B 73 -3.64 16.30 -7.77
N VAL B 74 -3.38 16.72 -9.00
CA VAL B 74 -4.00 16.07 -10.15
C VAL B 74 -2.90 15.59 -11.09
N CYS B 75 -2.83 14.28 -11.29
CA CYS B 75 -1.84 13.71 -12.19
C CYS B 75 -2.44 13.87 -13.58
N GLU B 76 -1.87 14.77 -14.37
CA GLU B 76 -2.38 15.03 -15.71
C GLU B 76 -2.22 13.84 -16.64
N LYS B 77 -3.06 13.77 -17.67
CA LYS B 77 -3.00 12.67 -18.61
C LYS B 77 -1.65 12.67 -19.31
N GLY B 78 -0.97 11.53 -19.22
CA GLY B 78 0.32 11.36 -19.86
C GLY B 78 0.46 9.89 -20.22
N THR B 79 1.69 9.39 -20.30
CA THR B 79 1.88 7.98 -20.62
C THR B 79 1.44 7.13 -19.44
N SER B 80 1.33 5.83 -19.66
CA SER B 80 0.93 4.91 -18.61
C SER B 80 1.91 5.03 -17.44
N CYS B 81 3.20 5.01 -17.75
CA CYS B 81 4.22 5.14 -16.73
C CYS B 81 4.11 6.46 -15.97
N GLU B 82 3.97 7.56 -16.70
CA GLU B 82 3.88 8.87 -16.07
C GLU B 82 2.70 8.94 -15.09
N ASN B 83 1.53 8.50 -15.53
CA ASN B 83 0.37 8.54 -14.65
C ASN B 83 0.49 7.62 -13.44
N ARG B 84 0.98 6.41 -13.66
CA ARG B 84 1.13 5.45 -12.57
C ARG B 84 2.17 5.92 -11.56
N ILE B 85 3.28 6.43 -12.05
CA ILE B 85 4.33 6.92 -11.15
C ILE B 85 3.82 8.13 -10.38
N CYS B 86 3.13 9.03 -11.07
CA CYS B 86 2.58 10.21 -10.42
C CYS B 86 1.60 9.83 -9.31
N GLU B 87 0.76 8.83 -9.56
CA GLU B 87 -0.20 8.40 -8.53
C GLU B 87 0.53 7.80 -7.34
N CYS B 88 1.63 7.10 -7.60
CA CYS B 88 2.40 6.52 -6.52
C CYS B 88 2.99 7.63 -5.66
N ASP B 89 3.50 8.66 -6.32
CA ASP B 89 4.12 9.78 -5.62
C ASP B 89 3.07 10.58 -4.85
N LYS B 90 1.92 10.80 -5.47
CA LYS B 90 0.85 11.55 -4.84
C LYS B 90 0.39 10.82 -3.57
N ALA B 91 0.19 9.51 -3.66
CA ALA B 91 -0.24 8.75 -2.50
C ALA B 91 0.77 8.82 -1.36
N ALA B 92 2.05 8.76 -1.70
CA ALA B 92 3.10 8.82 -0.67
C ALA B 92 3.18 10.19 0.00
N ALA B 93 3.16 11.26 -0.80
CA ALA B 93 3.25 12.61 -0.24
C ALA B 93 2.07 12.87 0.70
N ILE B 94 0.89 12.39 0.31
CA ILE B 94 -0.29 12.59 1.14
C ILE B 94 -0.18 11.72 2.39
N CYS B 95 0.38 10.52 2.23
CA CYS B 95 0.56 9.62 3.36
C CYS B 95 1.52 10.28 4.36
N PHE B 96 2.59 10.90 3.85
CA PHE B 96 3.54 11.58 4.74
C PHE B 96 2.82 12.66 5.53
N ARG B 97 2.00 13.45 4.84
CA ARG B 97 1.26 14.53 5.49
C ARG B 97 0.33 14.02 6.59
N GLN B 98 -0.40 12.96 6.28
CA GLN B 98 -1.35 12.39 7.24
C GLN B 98 -0.70 11.82 8.48
N ASN B 99 0.59 11.53 8.40
CA ASN B 99 1.33 10.96 9.52
C ASN B 99 2.40 11.86 10.10
N LEU B 100 2.33 13.15 9.82
CA LEU B 100 3.32 14.08 10.35
C LEU B 100 3.30 14.09 11.88
N ASN B 101 2.14 13.77 12.46
CA ASN B 101 2.00 13.76 13.91
C ASN B 101 2.91 12.74 14.61
N THR B 102 3.38 11.73 13.87
CA THR B 102 4.26 10.73 14.46
C THR B 102 5.65 10.71 13.81
N TYR B 103 5.91 11.67 12.93
CA TYR B 103 7.23 11.74 12.29
C TYR B 103 8.23 11.98 13.41
N SER B 104 9.18 11.06 13.58
CA SER B 104 10.17 11.17 14.65
C SER B 104 11.62 11.28 14.17
N LYS B 105 12.30 12.32 14.65
CA LYS B 105 13.70 12.58 14.28
C LYS B 105 14.62 11.44 14.68
N LYS B 106 14.19 10.62 15.63
CA LYS B 106 15.04 9.52 16.06
C LYS B 106 15.22 8.51 14.93
N TYR B 107 14.36 8.58 13.93
CA TYR B 107 14.44 7.65 12.80
C TYR B 107 15.23 8.18 11.61
N MET B 108 15.71 9.42 11.70
CA MET B 108 16.51 9.98 10.61
C MET B 108 17.90 9.37 10.71
N LEU B 109 18.62 9.32 9.59
CA LEU B 109 19.96 8.75 9.57
C LEU B 109 19.92 7.40 10.27
N TYR B 110 18.92 6.59 9.89
CA TYR B 110 18.72 5.28 10.48
C TYR B 110 19.69 4.23 9.94
N PRO B 111 20.48 3.61 10.83
CA PRO B 111 21.47 2.59 10.49
C PRO B 111 20.94 1.32 9.82
N ASP B 112 21.76 0.82 8.90
CA ASP B 112 21.51 -0.38 8.10
C ASP B 112 21.17 -1.65 8.85
N PHE B 113 22.01 -2.01 9.82
CA PHE B 113 21.79 -3.23 10.59
C PHE B 113 20.46 -3.28 11.35
N LEU B 114 19.79 -2.15 11.49
CA LEU B 114 18.52 -2.12 12.21
C LEU B 114 17.37 -2.53 11.29
N CYS B 115 17.69 -2.80 10.03
CA CYS B 115 16.68 -3.19 9.04
C CYS B 115 17.07 -4.51 8.36
N LYS B 116 16.61 -5.62 8.92
CA LYS B 116 16.92 -6.93 8.36
C LYS B 116 15.69 -7.63 7.81
N GLY B 117 15.91 -8.49 6.81
CA GLY B 117 14.81 -9.22 6.19
C GLY B 117 14.16 -8.46 5.06
N GLU B 118 13.32 -9.15 4.29
CA GLU B 118 12.63 -8.49 3.19
C GLU B 118 11.14 -8.78 3.20
N LEU B 119 10.35 -7.74 2.98
CA LEU B 119 8.90 -7.86 2.93
C LEU B 119 8.48 -7.77 1.47
N LYS B 120 8.28 -8.92 0.84
CA LYS B 120 7.91 -8.95 -0.57
C LYS B 120 6.57 -8.27 -0.82
N CYS B 121 6.44 -7.69 -2.01
CA CYS B 121 5.22 -7.01 -2.40
C CYS B 121 5.26 -6.73 -3.90
#